data_1UVR
#
_entry.id   1UVR
#
_cell.length_a   123.682
_cell.length_b   123.682
_cell.length_c   47.789
_cell.angle_alpha   90.00
_cell.angle_beta   90.00
_cell.angle_gamma   120.00
#
_symmetry.space_group_name_H-M   'P 32 2 1'
#
loop_
_entity.id
_entity.type
_entity.pdbx_description
1 polymer '3-PHOSPHOINOSITIDE DEPENDENT PROTEIN KINASE-1'
2 non-polymer GLYCEROL
3 non-polymer 'SULFATE ION'
4 non-polymer 3-[1-(3-AMINOPROPYL)-1H-INDOL-3-YL]-4-(1-METHYL-1H-INDOL-3-YL)-1H-PYRROLE-2,5-DIONE
5 water water
#
_entity_poly.entity_id   1
_entity_poly.type   'polypeptide(L)'
_entity_poly.pdbx_seq_one_letter_code
;PPQPRKKRPEDFKFGKILGEGSFSTVVLARELATSREYAIKILEKRHIIKENKVPYVTRERDVMSRLDHPFFVKLYFTFQ
DDEKLYFGLSYAKNGELLKYIRKIGSFDETCTRFYTAEIVSALEYLHGKGIIHRDLKPENILLNEDMHIQITDFGTAKVL
SPESKQARAN(SEP)FVGTAQYVSPELLTEKSACKSSDLWALGCIIYQLVAGLPPFRAGNEYLIFQKIIKLEYDFPEKFF
PKARDLVEKLLVLDATKRLGCEEMEGYGPLKAHPFFESVTWENLHQQTPPKLT
;
_entity_poly.pdbx_strand_id   A
#
loop_
_chem_comp.id
_chem_comp.type
_chem_comp.name
_chem_comp.formula
BI8 non-polymer 3-[1-(3-AMINOPROPYL)-1H-INDOL-3-YL]-4-(1-METHYL-1H-INDOL-3-YL)-1H-PYRROLE-2,5-DIONE 'C24 H22 N4 O2'
GOL non-polymer GLYCEROL 'C3 H8 O3'
SO4 non-polymer 'SULFATE ION' 'O4 S -2'
#
# COMPACT_ATOMS: atom_id res chain seq x y z
N PRO A 1 -2.41 28.29 -15.27
CA PRO A 1 -1.49 28.06 -16.40
C PRO A 1 -2.09 27.06 -17.39
N PRO A 2 -1.96 27.31 -18.69
CA PRO A 2 -2.51 26.39 -19.69
C PRO A 2 -1.92 24.98 -19.49
N GLN A 3 -2.66 23.96 -19.89
CA GLN A 3 -2.21 22.58 -19.73
C GLN A 3 -1.98 21.89 -21.08
N PRO A 4 -1.26 20.76 -21.07
CA PRO A 4 -1.00 20.04 -22.31
C PRO A 4 -2.33 19.55 -22.90
N ARG A 5 -2.32 19.12 -24.16
CA ARG A 5 -3.56 18.65 -24.80
C ARG A 5 -4.20 17.51 -23.99
N LYS A 6 -5.53 17.43 -24.02
CA LYS A 6 -6.19 16.35 -23.32
C LYS A 6 -5.82 15.12 -24.13
N LYS A 7 -5.23 14.12 -23.49
CA LYS A 7 -4.82 12.90 -24.18
C LYS A 7 -5.98 11.99 -24.59
N ARG A 8 -5.74 11.16 -25.59
CA ARG A 8 -6.74 10.24 -26.08
C ARG A 8 -6.11 8.88 -26.41
N PRO A 9 -6.91 7.82 -26.37
CA PRO A 9 -6.45 6.46 -26.65
C PRO A 9 -5.45 6.30 -27.81
N GLU A 10 -5.72 6.99 -28.92
CA GLU A 10 -4.86 6.90 -30.09
C GLU A 10 -3.45 7.40 -29.87
N ASP A 11 -3.23 8.12 -28.77
CA ASP A 11 -1.89 8.64 -28.48
C ASP A 11 -1.00 7.55 -27.93
N PHE A 12 -1.57 6.37 -27.79
CA PHE A 12 -0.84 5.26 -27.24
C PHE A 12 -0.84 4.05 -28.11
N LYS A 13 0.10 3.17 -27.77
CA LYS A 13 0.28 1.89 -28.43
C LYS A 13 0.12 1.01 -27.20
N PHE A 14 -1.02 0.35 -27.08
CA PHE A 14 -1.20 -0.49 -25.91
C PHE A 14 -0.50 -1.82 -26.03
N GLY A 15 0.03 -2.31 -24.93
CA GLY A 15 0.73 -3.57 -24.93
C GLY A 15 0.09 -4.62 -24.04
N LYS A 16 0.93 -5.35 -23.31
CA LYS A 16 0.44 -6.40 -22.45
C LYS A 16 -0.39 -5.94 -21.28
N ILE A 17 -1.27 -6.85 -20.85
CA ILE A 17 -2.13 -6.60 -19.72
C ILE A 17 -1.23 -6.92 -18.55
N LEU A 18 -1.17 -6.02 -17.58
CA LEU A 18 -0.33 -6.26 -16.43
C LEU A 18 -1.13 -7.03 -15.40
N GLY A 19 -2.38 -6.63 -15.22
CA GLY A 19 -3.22 -7.31 -14.26
C GLY A 19 -4.69 -7.03 -14.50
N GLU A 20 -5.54 -7.99 -14.15
CA GLU A 20 -6.97 -7.83 -14.34
C GLU A 20 -7.75 -7.77 -13.03
N GLY A 21 -8.60 -6.76 -12.91
CA GLY A 21 -9.40 -6.62 -11.71
C GLY A 21 -10.86 -6.92 -11.99
N SER A 22 -11.66 -6.79 -10.95
CA SER A 22 -13.09 -7.04 -11.05
C SER A 22 -13.72 -5.92 -11.87
N PHE A 23 -13.32 -4.70 -11.57
CA PHE A 23 -13.87 -3.54 -12.25
C PHE A 23 -12.87 -2.75 -13.05
N SER A 24 -11.73 -3.35 -13.38
CA SER A 24 -10.73 -2.63 -14.14
C SER A 24 -9.63 -3.54 -14.62
N THR A 25 -8.79 -3.01 -15.49
CA THR A 25 -7.66 -3.74 -16.02
C THR A 25 -6.48 -2.81 -16.21
N VAL A 26 -5.29 -3.22 -15.79
CA VAL A 26 -4.13 -2.38 -15.99
C VAL A 26 -3.35 -2.89 -17.20
N VAL A 27 -3.18 -1.99 -18.16
CA VAL A 27 -2.51 -2.28 -19.40
C VAL A 27 -1.28 -1.44 -19.56
N LEU A 28 -0.16 -2.08 -19.87
CA LEU A 28 1.08 -1.35 -20.08
C LEU A 28 0.89 -0.65 -21.43
N ALA A 29 1.16 0.64 -21.50
CA ALA A 29 1.02 1.36 -22.76
C ALA A 29 2.22 2.26 -23.02
N ARG A 30 2.48 2.55 -24.28
CA ARG A 30 3.60 3.40 -24.64
C ARG A 30 3.06 4.63 -25.34
N GLU A 31 3.43 5.81 -24.85
CA GLU A 31 2.95 7.02 -25.48
C GLU A 31 3.71 7.30 -26.78
N LEU A 32 2.97 7.49 -27.86
CA LEU A 32 3.56 7.72 -29.18
C LEU A 32 4.49 8.91 -29.36
N ALA A 33 4.05 10.10 -28.99
CA ALA A 33 4.88 11.29 -29.16
C ALA A 33 6.16 11.32 -28.31
N THR A 34 6.06 10.81 -27.09
CA THR A 34 7.17 10.82 -26.14
C THR A 34 7.94 9.54 -25.98
N SER A 35 7.27 8.41 -26.22
CA SER A 35 7.90 7.10 -26.10
C SER A 35 7.97 6.64 -24.61
N ARG A 36 7.26 7.33 -23.74
CA ARG A 36 7.23 6.98 -22.32
C ARG A 36 6.28 5.81 -22.06
N GLU A 37 6.63 4.96 -21.10
CA GLU A 37 5.74 3.86 -20.78
C GLU A 37 4.94 4.23 -19.55
N TYR A 38 3.64 4.01 -19.62
CA TYR A 38 2.75 4.26 -18.49
C TYR A 38 1.93 2.99 -18.31
N ALA A 39 1.47 2.74 -17.08
CA ALA A 39 0.64 1.58 -16.79
C ALA A 39 -0.74 2.23 -16.76
N ILE A 40 -1.56 1.93 -17.75
CA ILE A 40 -2.87 2.55 -17.83
C ILE A 40 -4.00 1.73 -17.25
N LYS A 41 -4.66 2.26 -16.25
CA LYS A 41 -5.78 1.56 -15.65
C LYS A 41 -7.00 1.95 -16.45
N ILE A 42 -7.76 0.94 -16.89
CA ILE A 42 -8.96 1.16 -17.69
C ILE A 42 -10.21 0.61 -17.01
N LEU A 43 -11.29 1.38 -17.03
CA LEU A 43 -12.55 0.95 -16.39
C LEU A 43 -13.72 1.30 -17.31
N GLU A 44 -14.75 0.45 -17.30
CA GLU A 44 -15.92 0.66 -18.12
C GLU A 44 -16.99 1.42 -17.34
N LYS A 45 -17.31 2.63 -17.77
CA LYS A 45 -18.30 3.43 -17.06
C LYS A 45 -19.59 2.68 -16.72
N ARG A 46 -20.14 1.95 -17.69
CA ARG A 46 -21.37 1.21 -17.49
C ARG A 46 -21.26 0.21 -16.35
N HIS A 47 -20.17 -0.55 -16.36
CA HIS A 47 -19.94 -1.55 -15.35
C HIS A 47 -19.86 -0.90 -13.97
N ILE A 48 -19.17 0.23 -13.90
CA ILE A 48 -19.00 0.94 -12.64
C ILE A 48 -20.32 1.50 -12.14
N ILE A 49 -21.11 2.04 -13.06
CA ILE A 49 -22.40 2.60 -12.71
C ILE A 49 -23.27 1.46 -12.28
N LYS A 50 -23.26 0.38 -13.07
CA LYS A 50 -24.07 -0.77 -12.72
C LYS A 50 -23.75 -1.26 -11.33
N GLU A 51 -22.46 -1.29 -10.98
CA GLU A 51 -22.04 -1.78 -9.66
C GLU A 51 -21.87 -0.77 -8.55
N ASN A 52 -22.40 0.44 -8.71
CA ASN A 52 -22.27 1.47 -7.67
C ASN A 52 -20.84 1.69 -7.17
N LYS A 53 -19.94 1.99 -8.09
CA LYS A 53 -18.55 2.19 -7.74
C LYS A 53 -18.07 3.60 -8.01
N VAL A 54 -18.98 4.48 -8.42
CA VAL A 54 -18.57 5.85 -8.72
C VAL A 54 -17.84 6.39 -7.50
N PRO A 55 -18.32 6.06 -6.30
CA PRO A 55 -17.59 6.60 -5.16
C PRO A 55 -16.15 6.10 -5.13
N TYR A 56 -15.96 4.81 -5.41
CA TYR A 56 -14.62 4.22 -5.39
C TYR A 56 -13.73 4.73 -6.50
N VAL A 57 -14.28 4.96 -7.67
CA VAL A 57 -13.46 5.45 -8.76
C VAL A 57 -13.11 6.91 -8.58
N THR A 58 -14.06 7.70 -8.11
CA THR A 58 -13.78 9.11 -7.90
C THR A 58 -12.70 9.28 -6.83
N ARG A 59 -12.87 8.59 -5.69
CA ARG A 59 -11.91 8.67 -4.59
C ARG A 59 -10.49 8.31 -5.03
N GLU A 60 -10.35 7.18 -5.71
CA GLU A 60 -9.03 6.78 -6.16
C GLU A 60 -8.37 7.91 -6.96
N ARG A 61 -9.14 8.50 -7.87
CA ARG A 61 -8.61 9.59 -8.66
C ARG A 61 -8.23 10.78 -7.77
N ASP A 62 -9.15 11.22 -6.94
CA ASP A 62 -8.89 12.35 -6.07
C ASP A 62 -7.71 12.15 -5.12
N VAL A 63 -7.70 11.03 -4.42
CA VAL A 63 -6.63 10.73 -3.49
C VAL A 63 -5.30 10.77 -4.21
N MET A 64 -5.20 10.11 -5.36
CA MET A 64 -3.91 10.12 -6.05
C MET A 64 -3.48 11.48 -6.55
N SER A 65 -4.41 12.33 -6.96
CA SER A 65 -4.03 13.66 -7.43
C SER A 65 -3.32 14.42 -6.31
N ARG A 66 -3.83 14.29 -5.09
CA ARG A 66 -3.25 14.96 -3.92
C ARG A 66 -1.84 14.45 -3.55
N LEU A 67 -1.56 13.20 -3.84
CA LEU A 67 -0.26 12.64 -3.52
C LEU A 67 0.85 13.25 -4.36
N ASP A 68 2.02 13.40 -3.75
CA ASP A 68 3.18 13.97 -4.41
C ASP A 68 4.42 13.62 -3.59
N HIS A 69 4.79 12.36 -3.65
CA HIS A 69 5.91 11.85 -2.89
C HIS A 69 6.57 10.68 -3.66
N PRO A 70 7.88 10.53 -3.53
CA PRO A 70 8.54 9.45 -4.25
C PRO A 70 8.22 8.00 -3.89
N PHE A 71 7.38 7.77 -2.89
CA PHE A 71 7.05 6.39 -2.54
C PHE A 71 5.63 6.03 -2.91
N PHE A 72 5.03 6.83 -3.79
CA PHE A 72 3.66 6.58 -4.22
C PHE A 72 3.53 6.66 -5.73
N VAL A 73 2.83 5.70 -6.32
CA VAL A 73 2.58 5.68 -7.76
C VAL A 73 1.98 7.03 -8.12
N LYS A 74 2.48 7.66 -9.18
CA LYS A 74 1.96 8.94 -9.59
C LYS A 74 0.83 8.75 -10.60
N LEU A 75 -0.09 9.70 -10.65
CA LEU A 75 -1.22 9.65 -11.59
C LEU A 75 -0.92 10.76 -12.56
N TYR A 76 -0.37 10.40 -13.72
CA TYR A 76 0.02 11.41 -14.68
C TYR A 76 -1.08 12.11 -15.44
N PHE A 77 -2.20 11.44 -15.65
CA PHE A 77 -3.27 12.05 -16.41
C PHE A 77 -4.47 11.13 -16.45
N THR A 78 -5.57 11.63 -17.00
CA THR A 78 -6.80 10.86 -17.14
C THR A 78 -7.56 11.38 -18.33
N PHE A 79 -8.35 10.52 -18.95
CA PHE A 79 -9.16 10.93 -20.08
C PHE A 79 -10.18 9.83 -20.29
N GLN A 80 -11.02 9.94 -21.31
CA GLN A 80 -12.00 8.91 -21.52
C GLN A 80 -12.66 9.00 -22.87
N ASP A 81 -13.04 7.85 -23.41
CA ASP A 81 -13.72 7.81 -24.68
C ASP A 81 -15.20 7.62 -24.31
N ASP A 82 -15.99 7.08 -25.22
CA ASP A 82 -17.41 6.93 -24.92
C ASP A 82 -17.73 5.88 -23.88
N GLU A 83 -17.01 4.77 -23.86
CA GLU A 83 -17.32 3.74 -22.89
C GLU A 83 -16.31 3.52 -21.78
N LYS A 84 -15.11 4.08 -21.90
CA LYS A 84 -14.09 3.84 -20.89
C LYS A 84 -13.36 5.03 -20.27
N LEU A 85 -12.79 4.76 -19.09
CA LEU A 85 -12.01 5.71 -18.31
C LEU A 85 -10.57 5.23 -18.30
N TYR A 86 -9.63 6.15 -18.49
CA TYR A 86 -8.23 5.78 -18.49
C TYR A 86 -7.48 6.59 -17.45
N PHE A 87 -6.65 5.91 -16.67
CA PHE A 87 -5.85 6.56 -15.66
C PHE A 87 -4.38 6.31 -15.98
N GLY A 88 -3.64 7.36 -16.26
CA GLY A 88 -2.23 7.21 -16.58
C GLY A 88 -1.44 7.09 -15.29
N LEU A 89 -0.96 5.90 -15.01
CA LEU A 89 -0.22 5.68 -13.77
C LEU A 89 1.26 5.44 -14.04
N SER A 90 2.10 5.71 -13.06
CA SER A 90 3.51 5.44 -13.28
C SER A 90 3.67 3.91 -13.32
N TYR A 91 4.60 3.42 -14.14
CA TYR A 91 4.80 1.96 -14.27
C TYR A 91 5.94 1.39 -13.43
N ALA A 92 5.60 0.70 -12.35
CA ALA A 92 6.61 0.10 -11.48
C ALA A 92 7.20 -1.13 -12.17
N LYS A 93 8.33 -0.95 -12.84
CA LYS A 93 8.96 -2.03 -13.59
C LYS A 93 9.27 -3.35 -12.86
N ASN A 94 9.49 -3.30 -11.55
CA ASN A 94 9.81 -4.54 -10.84
C ASN A 94 8.64 -5.19 -10.11
N GLY A 95 7.43 -4.72 -10.39
CA GLY A 95 6.25 -5.28 -9.76
C GLY A 95 6.11 -5.32 -8.24
N GLU A 96 5.15 -6.12 -7.82
CA GLU A 96 4.78 -6.33 -6.41
C GLU A 96 5.92 -6.74 -5.50
N LEU A 97 5.85 -6.28 -4.25
CA LEU A 97 6.85 -6.61 -3.26
C LEU A 97 6.77 -8.09 -2.97
N LEU A 98 5.52 -8.57 -2.87
CA LEU A 98 5.22 -9.96 -2.60
C LEU A 98 6.03 -10.91 -3.50
N LYS A 99 6.21 -10.50 -4.74
CA LYS A 99 6.96 -11.31 -5.69
C LYS A 99 8.31 -11.64 -5.10
N TYR A 100 8.98 -10.63 -4.55
CA TYR A 100 10.30 -10.82 -3.98
C TYR A 100 10.27 -11.68 -2.74
N ILE A 101 9.26 -11.48 -1.90
CA ILE A 101 9.12 -12.27 -0.69
C ILE A 101 9.04 -13.77 -1.06
N ARG A 102 8.26 -14.09 -2.10
CA ARG A 102 8.12 -15.48 -2.53
C ARG A 102 9.42 -15.96 -3.19
N LYS A 103 10.05 -15.08 -3.95
CA LYS A 103 11.28 -15.45 -4.63
C LYS A 103 12.42 -15.83 -3.69
N ILE A 104 12.52 -15.17 -2.54
CA ILE A 104 13.62 -15.45 -1.64
C ILE A 104 13.28 -15.94 -0.25
N GLY A 105 12.02 -16.33 -0.02
CA GLY A 105 11.66 -16.82 1.29
C GLY A 105 11.42 -15.66 2.22
N SER A 106 12.42 -15.31 3.02
CA SER A 106 12.28 -14.17 3.92
C SER A 106 13.42 -13.17 3.68
N PHE A 107 13.31 -12.00 4.29
CA PHE A 107 14.31 -10.96 4.14
C PHE A 107 15.25 -11.04 5.31
N ASP A 108 16.50 -10.62 5.10
CA ASP A 108 17.46 -10.62 6.19
C ASP A 108 17.29 -9.27 6.91
N GLU A 109 17.95 -9.11 8.04
CA GLU A 109 17.83 -7.90 8.85
C GLU A 109 17.96 -6.59 8.08
N THR A 110 19.02 -6.46 7.29
CA THR A 110 19.25 -5.24 6.53
C THR A 110 18.18 -4.89 5.51
N CYS A 111 17.71 -5.87 4.75
CA CYS A 111 16.70 -5.62 3.75
C CYS A 111 15.35 -5.34 4.38
N THR A 112 15.09 -5.96 5.52
CA THR A 112 13.84 -5.78 6.23
C THR A 112 13.81 -4.35 6.74
N ARG A 113 14.91 -3.97 7.39
CA ARG A 113 15.03 -2.64 7.95
C ARG A 113 14.81 -1.58 6.88
N PHE A 114 15.59 -1.65 5.81
CA PHE A 114 15.51 -0.67 4.73
C PHE A 114 14.12 -0.48 4.15
N TYR A 115 13.53 -1.58 3.70
CA TYR A 115 12.22 -1.50 3.09
C TYR A 115 11.12 -1.14 4.06
N THR A 116 11.27 -1.58 5.31
CA THR A 116 10.28 -1.28 6.33
C THR A 116 10.34 0.21 6.60
N ALA A 117 11.54 0.77 6.52
CA ALA A 117 11.74 2.19 6.76
C ALA A 117 11.10 3.04 5.66
N GLU A 118 10.94 2.47 4.46
CA GLU A 118 10.32 3.23 3.40
C GLU A 118 8.82 3.17 3.60
N ILE A 119 8.30 2.01 3.96
CA ILE A 119 6.87 1.91 4.17
C ILE A 119 6.46 2.90 5.25
N VAL A 120 7.20 2.89 6.35
CA VAL A 120 6.94 3.79 7.46
C VAL A 120 7.01 5.20 6.96
N SER A 121 8.09 5.51 6.26
CA SER A 121 8.26 6.85 5.72
C SER A 121 7.06 7.24 4.87
N ALA A 122 6.63 6.34 3.98
CA ALA A 122 5.50 6.59 3.11
C ALA A 122 4.21 6.76 3.91
N LEU A 123 4.05 5.97 4.96
CA LEU A 123 2.84 6.06 5.77
C LEU A 123 2.75 7.38 6.51
N GLU A 124 3.92 7.88 6.95
CA GLU A 124 3.96 9.16 7.65
C GLU A 124 3.49 10.28 6.73
N TYR A 125 3.89 10.20 5.46
CA TYR A 125 3.46 11.21 4.50
C TYR A 125 1.94 11.13 4.29
N LEU A 126 1.48 9.93 3.99
CA LEU A 126 0.06 9.70 3.73
C LEU A 126 -0.80 10.22 4.87
N HIS A 127 -0.51 9.74 6.06
CA HIS A 127 -1.27 10.16 7.23
C HIS A 127 -1.13 11.64 7.47
N GLY A 128 -0.02 12.21 7.03
CA GLY A 128 0.16 13.63 7.21
C GLY A 128 -0.95 14.40 6.51
N LYS A 129 -1.48 13.82 5.44
CA LYS A 129 -2.55 14.44 4.68
C LYS A 129 -3.91 13.89 5.08
N GLY A 130 -3.96 13.24 6.24
CA GLY A 130 -5.19 12.68 6.74
C GLY A 130 -5.79 11.63 5.82
N ILE A 131 -4.95 10.73 5.33
CA ILE A 131 -5.43 9.70 4.44
C ILE A 131 -5.08 8.32 4.94
N ILE A 132 -6.07 7.44 4.88
CA ILE A 132 -5.93 6.06 5.32
C ILE A 132 -6.00 5.13 4.10
N HIS A 133 -4.97 4.32 3.89
CA HIS A 133 -4.96 3.40 2.75
C HIS A 133 -6.09 2.40 2.85
N ARG A 134 -6.20 1.77 4.01
CA ARG A 134 -7.23 0.78 4.32
C ARG A 134 -7.09 -0.63 3.75
N ASP A 135 -6.10 -0.84 2.90
CA ASP A 135 -5.85 -2.16 2.33
C ASP A 135 -4.38 -2.28 1.92
N LEU A 136 -3.48 -1.90 2.84
CA LEU A 136 -2.06 -1.99 2.59
C LEU A 136 -1.60 -3.44 2.68
N LYS A 137 -0.78 -3.86 1.71
CA LYS A 137 -0.27 -5.23 1.66
C LYS A 137 0.83 -5.33 0.60
N PRO A 138 1.68 -6.37 0.73
CA PRO A 138 2.78 -6.60 -0.21
C PRO A 138 2.32 -6.57 -1.66
N GLU A 139 1.04 -6.83 -1.89
CA GLU A 139 0.52 -6.83 -3.24
C GLU A 139 0.36 -5.38 -3.77
N ASN A 140 0.17 -4.44 -2.86
CA ASN A 140 0.01 -3.04 -3.21
C ASN A 140 1.33 -2.26 -3.15
N ILE A 141 2.35 -2.85 -2.57
CA ILE A 141 3.63 -2.17 -2.46
C ILE A 141 4.50 -2.57 -3.65
N LEU A 142 4.50 -1.73 -4.69
CA LEU A 142 5.28 -2.03 -5.88
C LEU A 142 6.73 -1.57 -5.78
N LEU A 143 7.56 -2.07 -6.67
CA LEU A 143 8.97 -1.71 -6.70
C LEU A 143 9.37 -1.11 -8.04
N ASN A 144 9.84 0.13 -8.02
CA ASN A 144 10.22 0.76 -9.27
C ASN A 144 11.51 0.14 -9.77
N GLU A 145 11.95 0.63 -10.91
CA GLU A 145 13.16 0.17 -11.57
C GLU A 145 14.42 0.20 -10.69
N ASP A 146 14.43 1.04 -9.66
CA ASP A 146 15.58 1.15 -8.78
C ASP A 146 15.38 0.36 -7.51
N MET A 147 14.29 -0.39 -7.46
CA MET A 147 13.99 -1.18 -6.29
C MET A 147 13.59 -0.35 -5.08
N HIS A 148 12.98 0.79 -5.35
CA HIS A 148 12.46 1.63 -4.28
C HIS A 148 10.96 1.29 -4.29
N ILE A 149 10.29 1.42 -3.15
CA ILE A 149 8.86 1.09 -3.11
C ILE A 149 7.95 2.16 -3.71
N GLN A 150 6.78 1.72 -4.12
CA GLN A 150 5.77 2.61 -4.65
C GLN A 150 4.41 2.05 -4.31
N ILE A 151 3.79 2.65 -3.32
CA ILE A 151 2.47 2.20 -2.89
C ILE A 151 1.41 2.62 -3.91
N THR A 152 0.43 1.77 -4.13
CA THR A 152 -0.61 2.07 -5.10
C THR A 152 -1.94 1.60 -4.58
N ASP A 153 -2.95 1.61 -5.44
CA ASP A 153 -4.28 1.13 -5.12
C ASP A 153 -5.00 1.91 -4.01
N PHE A 154 -5.43 3.14 -4.33
CA PHE A 154 -6.10 4.02 -3.37
C PHE A 154 -7.61 4.17 -3.53
N GLY A 155 -8.22 3.37 -4.41
CA GLY A 155 -9.64 3.45 -4.59
C GLY A 155 -10.40 3.15 -3.31
N THR A 156 -9.88 2.23 -2.49
CA THR A 156 -10.55 1.87 -1.23
C THR A 156 -10.02 2.66 -0.02
N ALA A 157 -9.25 3.70 -0.29
CA ALA A 157 -8.70 4.52 0.78
C ALA A 157 -9.86 5.32 1.40
N LYS A 158 -9.53 6.19 2.34
CA LYS A 158 -10.53 7.02 3.00
C LYS A 158 -9.85 8.29 3.46
N VAL A 159 -10.54 9.41 3.29
CA VAL A 159 -10.01 10.71 3.70
C VAL A 159 -10.69 11.12 5.01
N LEU A 160 -9.90 11.39 6.03
CA LEU A 160 -10.43 11.78 7.32
C LEU A 160 -10.84 13.23 7.40
N SER A 161 -11.73 13.54 8.34
CA SER A 161 -12.22 14.89 8.56
C SER A 161 -12.70 15.19 10.00
N PRO A 162 -12.66 14.19 10.91
CA PRO A 162 -13.11 14.45 12.29
C PRO A 162 -12.37 15.57 13.05
N ALA A 167 -9.82 9.02 13.17
CA ALA A 167 -10.70 7.86 13.25
C ALA A 167 -12.11 8.25 12.82
N ARG A 168 -12.64 7.60 11.79
CA ARG A 168 -13.98 7.94 11.33
C ARG A 168 -14.79 6.83 10.68
N ALA A 169 -15.55 7.22 9.65
CA ALA A 169 -16.44 6.35 8.88
C ALA A 169 -16.00 4.90 8.64
N ASN A 170 -16.72 4.25 7.72
CA ASN A 170 -16.49 2.85 7.36
C ASN A 170 -17.02 2.47 5.97
N SEP A 171 -16.67 1.26 5.51
CA SEP A 171 -17.10 0.73 4.21
CB SEP A 171 -16.43 1.49 3.06
OG SEP A 171 -17.06 2.68 2.20
C SEP A 171 -16.84 -0.76 3.99
O SEP A 171 -17.68 -1.61 4.32
P SEP A 171 -16.77 4.09 2.58
O1P SEP A 171 -16.17 4.80 1.43
O2P SEP A 171 -18.02 4.77 2.99
O3P SEP A 171 -15.80 4.09 3.70
N PHE A 172 -15.68 -1.05 3.40
CA PHE A 172 -15.28 -2.40 3.09
C PHE A 172 -14.25 -2.93 4.09
N VAL A 173 -13.73 -4.11 3.79
CA VAL A 173 -12.72 -4.76 4.61
C VAL A 173 -11.64 -5.26 3.66
N GLY A 174 -10.42 -4.77 3.85
CA GLY A 174 -9.32 -5.20 3.01
C GLY A 174 -9.00 -6.68 3.06
N THR A 175 -7.86 -7.08 2.50
CA THR A 175 -7.47 -8.49 2.49
C THR A 175 -7.50 -9.03 3.92
N ALA A 176 -8.07 -10.22 4.08
CA ALA A 176 -8.21 -10.85 5.37
C ALA A 176 -6.99 -10.83 6.31
N GLN A 177 -5.85 -11.34 5.87
CA GLN A 177 -4.69 -11.37 6.76
C GLN A 177 -4.12 -10.04 7.22
N TYR A 178 -4.71 -8.95 6.74
CA TYR A 178 -4.19 -7.64 7.11
C TYR A 178 -5.22 -6.78 7.83
N VAL A 179 -6.43 -7.31 7.96
CA VAL A 179 -7.51 -6.60 8.63
C VAL A 179 -7.18 -6.41 10.10
N SER A 180 -7.37 -5.20 10.60
CA SER A 180 -7.13 -4.94 12.02
C SER A 180 -8.41 -5.31 12.74
N PRO A 181 -8.30 -5.70 14.02
CA PRO A 181 -9.48 -6.09 14.79
C PRO A 181 -10.59 -5.06 14.83
N GLU A 182 -10.26 -3.78 14.98
CA GLU A 182 -11.31 -2.74 15.02
C GLU A 182 -12.31 -2.87 13.86
N LEU A 183 -11.85 -3.32 12.70
CA LEU A 183 -12.76 -3.47 11.58
C LEU A 183 -13.69 -4.69 11.76
N LEU A 184 -13.24 -5.66 12.55
CA LEU A 184 -14.03 -6.86 12.80
C LEU A 184 -14.96 -6.72 14.00
N THR A 185 -14.69 -5.75 14.85
CA THR A 185 -15.48 -5.53 16.05
C THR A 185 -16.12 -4.15 16.15
N GLU A 186 -15.75 -3.25 15.25
CA GLU A 186 -16.31 -1.91 15.30
C GLU A 186 -16.90 -1.39 14.01
N LYS A 187 -16.52 -1.98 12.88
CA LYS A 187 -17.03 -1.53 11.60
C LYS A 187 -16.61 -0.07 11.42
N SER A 188 -15.43 0.26 11.94
CA SER A 188 -14.88 1.62 11.84
C SER A 188 -13.35 1.49 11.68
N ALA A 189 -12.73 2.50 11.06
CA ALA A 189 -11.28 2.45 10.86
C ALA A 189 -10.58 3.80 11.01
N CYS A 190 -9.31 3.75 11.41
CA CYS A 190 -8.52 4.95 11.58
C CYS A 190 -7.11 4.68 11.06
N LYS A 191 -6.20 5.63 11.28
CA LYS A 191 -4.84 5.47 10.78
C LYS A 191 -4.15 4.21 11.31
N SER A 192 -4.31 3.92 12.60
CA SER A 192 -3.68 2.73 13.16
C SER A 192 -3.98 1.48 12.34
N SER A 193 -5.12 1.49 11.66
CA SER A 193 -5.49 0.34 10.83
C SER A 193 -4.32 0.04 9.88
N ASP A 194 -3.70 1.09 9.32
CA ASP A 194 -2.56 0.90 8.45
C ASP A 194 -1.36 0.43 9.26
N LEU A 195 -1.28 0.86 10.53
CA LEU A 195 -0.17 0.46 11.39
C LEU A 195 -0.23 -1.02 11.68
N TRP A 196 -1.42 -1.53 11.98
CA TRP A 196 -1.58 -2.95 12.23
C TRP A 196 -1.07 -3.69 10.99
N ALA A 197 -1.49 -3.20 9.83
CA ALA A 197 -1.07 -3.80 8.58
C ALA A 197 0.46 -3.83 8.50
N LEU A 198 1.09 -2.71 8.86
CA LEU A 198 2.55 -2.58 8.85
C LEU A 198 3.17 -3.70 9.70
N GLY A 199 2.60 -3.88 10.89
CA GLY A 199 3.07 -4.92 11.78
C GLY A 199 3.01 -6.25 11.05
N CYS A 200 1.90 -6.54 10.38
CA CYS A 200 1.79 -7.79 9.65
C CYS A 200 2.86 -7.91 8.56
N ILE A 201 3.03 -6.86 7.77
CA ILE A 201 4.00 -6.86 6.69
C ILE A 201 5.42 -7.12 7.20
N ILE A 202 5.82 -6.34 8.19
CA ILE A 202 7.15 -6.53 8.76
C ILE A 202 7.35 -7.98 9.14
N TYR A 203 6.36 -8.54 9.82
CA TYR A 203 6.41 -9.93 10.25
C TYR A 203 6.55 -10.85 9.06
N GLN A 204 5.90 -10.50 7.96
CA GLN A 204 5.97 -11.34 6.77
C GLN A 204 7.32 -11.24 6.06
N LEU A 205 7.96 -10.09 6.16
CA LEU A 205 9.26 -9.90 5.53
C LEU A 205 10.30 -10.76 6.23
N VAL A 206 10.13 -10.90 7.53
CA VAL A 206 11.07 -11.65 8.35
C VAL A 206 10.80 -13.14 8.41
N ALA A 207 9.54 -13.51 8.48
CA ALA A 207 9.18 -14.92 8.58
C ALA A 207 8.79 -15.57 7.24
N GLY A 208 8.56 -14.76 6.22
CA GLY A 208 8.17 -15.32 4.94
C GLY A 208 6.66 -15.53 4.82
N LEU A 209 5.94 -15.46 5.93
CA LEU A 209 4.48 -15.63 5.92
C LEU A 209 3.82 -14.61 6.84
N PRO A 210 2.56 -14.24 6.54
CA PRO A 210 1.89 -13.27 7.40
C PRO A 210 1.53 -13.89 8.77
N PRO A 211 1.36 -13.04 9.80
CA PRO A 211 1.03 -13.41 11.19
C PRO A 211 -0.18 -14.30 11.43
N PHE A 212 -1.27 -14.06 10.70
CA PHE A 212 -2.50 -14.84 10.87
C PHE A 212 -2.91 -15.63 9.64
N ARG A 213 -2.69 -16.94 9.69
CA ARG A 213 -3.02 -17.84 8.59
C ARG A 213 -4.04 -18.88 9.06
N ALA A 214 -4.91 -19.31 8.16
CA ALA A 214 -5.91 -20.29 8.51
C ALA A 214 -6.59 -20.78 7.26
N GLY A 215 -7.39 -21.83 7.41
CA GLY A 215 -8.10 -22.39 6.28
C GLY A 215 -9.01 -21.45 5.51
N ASN A 216 -9.72 -20.56 6.21
CA ASN A 216 -10.63 -19.65 5.52
C ASN A 216 -10.59 -18.26 6.15
N GLU A 217 -11.34 -17.33 5.58
CA GLU A 217 -11.33 -15.98 6.13
C GLU A 217 -11.94 -15.89 7.50
N TYR A 218 -13.05 -16.60 7.71
CA TYR A 218 -13.70 -16.60 9.00
C TYR A 218 -12.73 -17.02 10.10
N LEU A 219 -11.84 -17.94 9.77
CA LEU A 219 -10.87 -18.43 10.73
C LEU A 219 -9.78 -17.43 11.03
N ILE A 220 -9.36 -16.68 10.03
CA ILE A 220 -8.32 -15.69 10.23
C ILE A 220 -8.87 -14.58 11.10
N PHE A 221 -10.12 -14.22 10.86
CA PHE A 221 -10.76 -13.16 11.63
C PHE A 221 -10.89 -13.59 13.07
N GLN A 222 -10.98 -14.90 13.25
CA GLN A 222 -11.12 -15.46 14.58
C GLN A 222 -9.79 -15.33 15.33
N LYS A 223 -8.69 -15.51 14.61
CA LYS A 223 -7.37 -15.39 15.22
C LYS A 223 -7.00 -13.94 15.46
N ILE A 224 -7.41 -13.08 14.54
CA ILE A 224 -7.10 -11.68 14.67
C ILE A 224 -7.64 -11.09 15.96
N ILE A 225 -8.95 -11.20 16.15
CA ILE A 225 -9.58 -10.63 17.35
C ILE A 225 -9.12 -11.24 18.67
N LYS A 226 -8.57 -12.45 18.61
CA LYS A 226 -8.07 -13.11 19.82
C LYS A 226 -6.57 -12.87 19.91
N LEU A 227 -6.02 -12.26 18.86
CA LEU A 227 -4.60 -11.96 18.77
C LEU A 227 -3.81 -13.26 18.83
N GLU A 228 -4.17 -14.19 17.96
CA GLU A 228 -3.51 -15.49 17.94
C GLU A 228 -2.46 -15.70 16.86
N TYR A 229 -1.19 -15.58 17.26
CA TYR A 229 -0.06 -15.79 16.37
C TYR A 229 1.16 -15.84 17.28
N ASP A 230 2.30 -16.25 16.75
CA ASP A 230 3.50 -16.31 17.57
C ASP A 230 4.72 -16.19 16.66
N PHE A 231 5.82 -15.72 17.21
CA PHE A 231 7.05 -15.54 16.43
C PHE A 231 7.87 -16.80 16.30
N PRO A 232 8.57 -16.96 15.17
CA PRO A 232 9.42 -18.13 14.93
C PRO A 232 10.74 -17.88 15.65
N GLU A 233 11.49 -18.94 15.94
CA GLU A 233 12.74 -18.82 16.67
C GLU A 233 13.74 -17.75 16.24
N LYS A 234 14.23 -17.87 15.02
CA LYS A 234 15.23 -16.95 14.48
C LYS A 234 14.78 -15.50 14.24
N PHE A 235 13.54 -15.18 14.59
CA PHE A 235 13.01 -13.84 14.38
C PHE A 235 13.84 -12.71 15.03
N PHE A 236 14.42 -11.83 14.21
CA PHE A 236 15.22 -10.72 14.72
C PHE A 236 14.50 -10.11 15.93
N PRO A 237 15.17 -10.09 17.10
CA PRO A 237 14.65 -9.56 18.36
C PRO A 237 14.06 -8.15 18.31
N LYS A 238 14.84 -7.17 17.87
CA LYS A 238 14.35 -5.81 17.79
C LYS A 238 13.16 -5.74 16.86
N ALA A 239 13.21 -6.51 15.78
CA ALA A 239 12.10 -6.53 14.85
C ALA A 239 10.91 -7.08 15.60
N ARG A 240 11.10 -8.25 16.21
CA ARG A 240 10.02 -8.88 16.97
C ARG A 240 9.43 -7.83 17.93
N ASP A 241 10.31 -7.17 18.67
CA ASP A 241 9.84 -6.17 19.59
C ASP A 241 8.97 -5.14 18.89
N LEU A 242 9.45 -4.56 17.79
CA LEU A 242 8.67 -3.56 17.07
C LEU A 242 7.29 -4.08 16.67
N VAL A 243 7.26 -5.32 16.19
CA VAL A 243 6.01 -5.93 15.78
C VAL A 243 5.05 -6.06 16.96
N GLU A 244 5.59 -6.32 18.15
CA GLU A 244 4.74 -6.45 19.31
C GLU A 244 4.16 -5.11 19.68
N LYS A 245 4.83 -4.02 19.33
CA LYS A 245 4.30 -2.71 19.63
C LYS A 245 3.38 -2.25 18.50
N LEU A 246 3.15 -3.12 17.53
CA LEU A 246 2.29 -2.79 16.40
C LEU A 246 0.99 -3.58 16.38
N LEU A 247 1.11 -4.88 16.64
CA LEU A 247 -0.06 -5.74 16.65
C LEU A 247 -0.66 -5.71 18.05
N VAL A 248 -1.31 -4.60 18.34
CA VAL A 248 -1.95 -4.37 19.63
C VAL A 248 -3.45 -4.25 19.35
N LEU A 249 -4.25 -5.09 20.01
CA LEU A 249 -5.70 -5.07 19.82
C LEU A 249 -6.25 -3.65 19.99
N ASP A 250 -5.79 -2.96 21.03
CA ASP A 250 -6.22 -1.59 21.25
C ASP A 250 -5.52 -0.75 20.20
N ALA A 251 -6.29 -0.08 19.36
CA ALA A 251 -5.70 0.72 18.29
C ALA A 251 -5.09 2.03 18.75
N THR A 252 -5.31 2.38 20.02
CA THR A 252 -4.77 3.63 20.54
C THR A 252 -3.42 3.39 21.17
N LYS A 253 -2.99 2.13 21.19
CA LYS A 253 -1.70 1.78 21.77
C LYS A 253 -0.66 1.33 20.75
N ARG A 254 -0.96 1.51 19.46
CA ARG A 254 -0.02 1.10 18.43
C ARG A 254 1.03 2.16 18.18
N LEU A 255 2.30 1.74 18.25
CA LEU A 255 3.44 2.62 18.04
C LEU A 255 3.31 3.35 16.70
N GLY A 256 3.16 4.67 16.76
CA GLY A 256 3.03 5.43 15.53
C GLY A 256 1.73 6.20 15.44
N CYS A 257 0.73 5.83 16.22
CA CYS A 257 -0.54 6.55 16.16
C CYS A 257 -0.49 7.88 16.93
N GLU A 258 -1.54 8.69 16.77
CA GLU A 258 -1.66 10.00 17.42
C GLU A 258 -1.62 9.91 18.93
N GLU A 259 -2.44 9.03 19.48
CA GLU A 259 -2.50 8.84 20.92
C GLU A 259 -1.13 8.39 21.41
N MET A 260 -0.39 7.69 20.56
CA MET A 260 0.95 7.23 20.93
C MET A 260 1.97 8.30 20.59
N GLU A 261 1.46 9.45 20.14
CA GLU A 261 2.26 10.62 19.79
C GLU A 261 3.04 10.60 18.46
N GLY A 262 2.41 10.06 17.43
CA GLY A 262 3.00 10.07 16.11
C GLY A 262 4.19 9.21 15.73
N TYR A 263 4.79 9.58 14.61
CA TYR A 263 5.91 8.89 14.02
C TYR A 263 7.28 9.12 14.62
N GLY A 264 7.38 10.09 15.52
CA GLY A 264 8.65 10.35 16.16
C GLY A 264 9.08 9.08 16.90
N PRO A 265 8.29 8.64 17.89
CA PRO A 265 8.62 7.44 18.65
C PRO A 265 8.86 6.23 17.74
N LEU A 266 7.98 6.06 16.76
CA LEU A 266 8.11 4.94 15.84
C LEU A 266 9.43 4.92 15.06
N LYS A 267 9.84 6.06 14.54
CA LYS A 267 11.08 6.11 13.79
C LYS A 267 12.26 6.00 14.74
N ALA A 268 11.99 6.31 16.01
CA ALA A 268 13.01 6.26 17.04
C ALA A 268 13.13 4.85 17.63
N HIS A 269 12.35 3.91 17.13
CA HIS A 269 12.43 2.56 17.68
C HIS A 269 13.77 1.91 17.36
N PRO A 270 14.36 1.22 18.35
CA PRO A 270 15.66 0.55 18.20
C PRO A 270 15.91 -0.18 16.90
N PHE A 271 14.85 -0.73 16.32
CA PHE A 271 15.02 -1.46 15.08
C PHE A 271 15.55 -0.56 13.95
N PHE A 272 15.29 0.74 14.02
CA PHE A 272 15.72 1.63 12.96
C PHE A 272 16.97 2.42 13.30
N GLU A 273 17.64 2.01 14.35
CA GLU A 273 18.86 2.65 14.83
C GLU A 273 19.68 3.31 13.73
N SER A 274 20.15 2.50 12.80
CA SER A 274 20.99 2.96 11.70
C SER A 274 20.26 3.52 10.49
N VAL A 275 19.00 3.86 10.64
CA VAL A 275 18.31 4.38 9.48
C VAL A 275 18.48 5.90 9.39
N THR A 276 18.71 6.39 8.17
CA THR A 276 18.80 7.83 7.93
C THR A 276 17.48 8.08 7.21
N TRP A 277 16.52 8.64 7.94
CA TRP A 277 15.17 8.90 7.42
C TRP A 277 14.99 9.99 6.38
N GLU A 278 15.86 10.99 6.42
CA GLU A 278 15.77 12.14 5.53
C GLU A 278 15.78 11.93 4.00
N ASN A 279 16.58 11.00 3.49
CA ASN A 279 16.67 10.81 2.03
C ASN A 279 16.59 9.36 1.53
N LEU A 280 15.79 8.55 2.21
CA LEU A 280 15.65 7.15 1.84
C LEU A 280 15.58 6.84 0.33
N HIS A 281 14.82 7.60 -0.43
CA HIS A 281 14.70 7.31 -1.86
C HIS A 281 15.93 7.66 -2.68
N GLN A 282 16.93 8.22 -2.03
CA GLN A 282 18.15 8.57 -2.73
C GLN A 282 19.28 7.68 -2.27
N GLN A 283 18.93 6.68 -1.46
CA GLN A 283 19.91 5.73 -0.97
C GLN A 283 19.82 4.52 -1.89
N THR A 284 20.92 3.78 -1.98
CA THR A 284 20.94 2.58 -2.81
C THR A 284 20.40 1.42 -1.98
N PRO A 285 19.27 0.83 -2.40
CA PRO A 285 18.69 -0.29 -1.65
C PRO A 285 19.63 -1.49 -1.57
N PRO A 286 19.58 -2.21 -0.44
CA PRO A 286 20.43 -3.38 -0.26
C PRO A 286 19.98 -4.50 -1.19
N LYS A 287 20.94 -5.17 -1.82
CA LYS A 287 20.63 -6.25 -2.76
C LYS A 287 19.79 -7.31 -2.08
N LEU A 288 18.67 -7.62 -2.70
CA LEU A 288 17.74 -8.62 -2.19
C LEU A 288 18.28 -10.04 -2.24
N THR A 289 18.67 -10.53 -1.06
CA THR A 289 19.20 -11.86 -0.86
C THR A 289 18.17 -12.90 -1.27
C1 GOL B . 10.36 5.14 21.12
O1 GOL B . 9.71 4.79 22.36
C2 GOL B . 10.90 3.88 20.45
O2 GOL B . 9.83 2.98 20.17
C3 GOL B . 11.92 3.18 21.34
O3 GOL B . 13.03 4.07 21.62
C1 GOL C . -12.11 1.95 -8.40
O1 GOL C . -10.73 2.10 -8.78
C2 GOL C . -12.30 0.63 -7.66
O2 GOL C . -11.48 0.64 -6.50
C3 GOL C . -11.90 -0.55 -8.57
O3 GOL C . -10.52 -0.44 -8.97
C1 GOL D . -4.96 16.45 -18.51
O1 GOL D . -3.95 16.03 -19.44
C2 GOL D . -5.05 15.46 -17.34
O2 GOL D . -5.36 14.16 -17.83
C3 GOL D . -6.12 15.90 -16.36
O3 GOL D . -6.19 14.96 -15.29
C1 GOL E . 0.36 -13.35 20.54
O1 GOL E . -0.59 -13.41 21.60
C2 GOL E . 1.76 -13.52 21.11
O2 GOL E . 2.01 -12.48 22.04
C3 GOL E . 2.80 -13.47 19.98
O3 GOL E . 4.10 -13.63 20.54
C1 GOL F . 7.21 7.54 -18.05
O1 GOL F . 8.16 8.46 -18.58
C2 GOL F . 7.05 7.85 -16.57
O2 GOL F . 8.32 7.70 -15.96
C3 GOL F . 6.03 6.90 -15.91
O3 GOL F . 6.47 5.54 -16.02
C1 GOL G . 12.36 10.69 0.84
O1 GOL G . 13.49 10.07 0.22
C2 GOL G . 12.63 10.83 2.34
O2 GOL G . 12.83 9.51 2.89
C3 GOL G . 11.44 11.51 3.05
O3 GOL G . 10.26 10.74 2.88
C1 GOL H . -2.99 0.27 -30.75
O1 GOL H . -3.12 1.16 -29.63
C2 GOL H . -2.81 -1.15 -30.24
O2 GOL H . -1.65 -1.22 -29.43
C3 GOL H . -2.67 -2.13 -31.40
O3 GOL H . -1.52 -1.79 -32.16
C1 GOL I . -6.19 -2.90 -11.04
O1 GOL I . -6.86 -3.03 -9.77
C2 GOL I . -6.03 -4.26 -11.72
O2 GOL I . -7.31 -4.84 -11.95
C3 GOL I . -5.20 -5.23 -10.86
O3 GOL I . -5.83 -5.45 -9.59
S SO4 J . -11.55 12.52 -17.48
O1 SO4 J . -10.30 13.25 -17.21
O2 SO4 J . -11.31 11.07 -17.33
O3 SO4 J . -11.98 12.81 -18.85
O4 SO4 J . -12.58 12.93 -16.51
S SO4 K . 7.93 7.05 -12.24
O1 SO4 K . 7.46 7.04 -10.85
O2 SO4 K . 6.84 7.48 -13.12
O3 SO4 K . 8.37 5.70 -12.65
O4 SO4 K . 9.04 8.01 -12.40
S SO4 L . 10.87 11.32 -18.18
O1 SO4 L . 11.50 10.97 -16.90
O2 SO4 L . 9.48 10.87 -18.16
O3 SO4 L . 10.91 12.78 -18.34
O4 SO4 L . 11.58 10.66 -19.29
S SO4 M . -10.46 -3.97 -8.98
O1 SO4 M . -10.18 -2.99 -7.93
O2 SO4 M . -9.21 -4.31 -9.69
O3 SO4 M . -11.42 -3.41 -9.94
O4 SO4 M . -11.01 -5.20 -8.36
CB0 BI8 N . 3.59 -5.23 -12.59
NBC BI8 N . -1.18 -7.03 -8.80
CBB BI8 N . -1.77 -5.69 -8.74
CBA BI8 N . -1.17 -4.91 -7.57
CAY BI8 N . -1.92 -3.60 -7.33
NAH BI8 N . -1.81 -2.62 -8.42
CAW BI8 N . -0.73 -2.40 -9.18
CAE BI8 N . -2.79 -1.73 -8.67
CAF BI8 N . -4.05 -1.51 -8.14
CAA BI8 N . -4.81 -0.44 -8.61
CAB BI8 N . -4.31 0.39 -9.60
CAC BI8 N . -3.04 0.15 -10.13
CAD BI8 N . -2.27 -0.91 -9.66
CAG BI8 N . -0.99 -1.35 -9.96
CAI BI8 N . 0.02 -0.74 -10.71
CAT BI8 N . 0.20 0.64 -10.76
OAZ BI8 N . -0.47 1.50 -10.20
NAU BI8 N . 1.27 0.83 -11.53
CAV BI8 N . 1.82 -0.29 -11.98
OAX BI8 N . 2.82 -0.38 -12.69
CAJ BI8 N . 1.04 -1.32 -11.46
CAK BI8 N . 1.26 -2.67 -11.70
CAM BI8 N . 0.41 -3.77 -11.76
CAP BI8 N . -0.96 -3.92 -11.58
CAQ BI8 N . -1.55 -5.17 -11.72
CAR BI8 N . -0.77 -6.28 -12.02
CAS BI8 N . 0.61 -6.14 -12.20
CAN BI8 N . 1.18 -4.88 -12.07
NAO BI8 N . 2.43 -4.40 -12.21
CAL BI8 N . 2.49 -3.09 -11.99
#